data_4AFE
#
_entry.id   4AFE
#
_cell.length_a   101.039
_cell.length_b   56.724
_cell.length_c   74.279
_cell.angle_alpha   90.00
_cell.angle_beta   127.10
_cell.angle_gamma   90.00
#
_symmetry.space_group_name_H-M   'C 1 2 1'
#
loop_
_entity.id
_entity.type
_entity.pdbx_description
1 polymer 'SERINE/THREONINE-PROTEIN KINASE NEK2'
2 non-polymer 4-(2-AMINO-5-{4-[(DIMETHYLAMINO)METHYL]THIOPHEN-2-YL}PYRIDIN-3-YL)-2-{[(1R,2Z)-4,4,4-TRIFLUORO-1-METHYLBUT-2-EN-1-YL]OXY}BENZAMIDE
3 non-polymer 1,2-ETHANEDIOL
4 water water
#
_entity_poly.entity_id   1
_entity_poly.type   'polypeptide(L)'
_entity_poly.pdbx_seq_one_letter_code
;MPSRAEDYEVLYTIGTGSYGRCQKIRRKSDGKILVWKELDYGSMTEAEKQMLVSEVNLLRELKHPNIVRYYDRIIDRTNT
TLYIVMEYCEGGDLASVITKGTKERQYLDEEFVLRVMTQLTLALKECHRRSDGGHTVLHRDLKPANVFLDGKQNVKLGDF
GLARILNHDTSFAKTFVGTPYYMSPEQMNRMSYNEKSDIWSLGCLLYELCALMPPFTAFSQKELAGKIREGKFRRIPYRY
SDELNEIITRMLNLKDYHRPSVEEILENPLILEHHHHHH
;
_entity_poly.pdbx_strand_id   A
#
# COMPACT_ATOMS: atom_id res chain seq x y z
N SER A 3 -22.84 -3.86 -17.33
CA SER A 3 -21.81 -4.44 -16.48
C SER A 3 -21.29 -5.76 -17.04
N ARG A 4 -20.82 -5.72 -18.29
CA ARG A 4 -20.18 -6.87 -18.92
C ARG A 4 -18.82 -6.49 -19.48
N ALA A 5 -18.00 -7.51 -19.73
CA ALA A 5 -16.66 -7.36 -20.28
C ALA A 5 -16.66 -6.69 -21.65
N GLU A 6 -17.81 -6.71 -22.32
CA GLU A 6 -17.92 -6.16 -23.66
C GLU A 6 -18.03 -4.65 -23.59
N ASP A 7 -18.27 -4.15 -22.38
CA ASP A 7 -18.30 -2.71 -22.16
C ASP A 7 -16.89 -2.13 -22.13
N TYR A 8 -15.90 -2.99 -21.97
CA TYR A 8 -14.51 -2.54 -21.91
C TYR A 8 -13.58 -3.16 -22.98
N GLU A 9 -12.53 -2.42 -23.30
CA GLU A 9 -11.51 -2.93 -24.20
C GLU A 9 -10.13 -3.03 -23.54
N VAL A 10 -9.54 -4.21 -23.62
CA VAL A 10 -8.19 -4.41 -23.10
C VAL A 10 -7.16 -3.67 -23.96
N LEU A 11 -6.33 -2.85 -23.32
CA LEU A 11 -5.24 -2.16 -23.99
C LEU A 11 -4.00 -3.04 -23.95
N TYR A 12 -3.69 -3.55 -22.76
CA TYR A 12 -2.56 -4.44 -22.55
C TYR A 12 -2.46 -4.84 -21.10
N THR A 13 -1.59 -5.81 -20.87
CA THR A 13 -1.39 -6.39 -19.56
C THR A 13 -0.31 -5.63 -18.79
N ILE A 14 -0.61 -5.34 -17.54
CA ILE A 14 0.32 -4.65 -16.66
C ILE A 14 1.10 -5.66 -15.82
N GLY A 15 0.38 -6.61 -15.23
CA GLY A 15 1.01 -7.62 -14.39
C GLY A 15 0.33 -8.98 -14.48
N THR A 16 1.08 -10.02 -14.16
CA THR A 16 0.56 -11.38 -14.29
C THR A 16 0.79 -12.20 -13.02
N GLY A 17 -0.25 -12.91 -12.61
CA GLY A 17 -0.20 -13.74 -11.42
C GLY A 17 0.41 -15.12 -11.66
N SER A 18 0.42 -16.01 -10.65
CA SER A 18 -0.20 -15.85 -9.32
C SER A 18 -1.73 -15.65 -9.38
N TYR A 19 -2.21 -14.59 -8.73
CA TYR A 19 -3.63 -14.20 -8.72
C TYR A 19 -4.35 -14.48 -10.04
N GLY A 20 -3.73 -14.05 -11.14
CA GLY A 20 -4.34 -14.11 -12.44
C GLY A 20 -3.65 -13.12 -13.35
N ARG A 21 -4.31 -12.00 -13.65
CA ARG A 21 -3.75 -11.04 -14.60
C ARG A 21 -4.31 -9.64 -14.39
N CYS A 22 -3.48 -8.65 -14.61
CA CYS A 22 -3.85 -7.27 -14.38
C CYS A 22 -3.66 -6.46 -15.66
N GLN A 23 -4.74 -5.90 -16.19
CA GLN A 23 -4.68 -5.26 -17.51
C GLN A 23 -5.25 -3.86 -17.50
N LYS A 24 -4.63 -2.99 -18.29
CA LYS A 24 -5.16 -1.67 -18.52
C LYS A 24 -6.31 -1.74 -19.51
N ILE A 25 -7.41 -1.07 -19.20
CA ILE A 25 -8.61 -1.18 -20.03
C ILE A 25 -9.25 0.15 -20.31
N ARG A 26 -10.09 0.17 -21.33
CA ARG A 26 -10.78 1.36 -21.71
C ARG A 26 -12.28 1.11 -21.74
N ARG A 27 -13.00 1.92 -20.97
CA ARG A 27 -14.45 1.87 -20.98
C ARG A 27 -14.92 2.43 -22.30
N LYS A 28 -15.79 1.69 -22.98
CA LYS A 28 -16.20 2.02 -24.34
C LYS A 28 -17.17 3.19 -24.39
N SER A 29 -18.02 3.28 -23.39
CA SER A 29 -19.01 4.35 -23.29
C SER A 29 -18.39 5.75 -23.39
N ASP A 30 -17.24 5.95 -22.73
CA ASP A 30 -16.66 7.28 -22.61
C ASP A 30 -15.15 7.33 -22.82
N GLY A 31 -14.52 6.16 -22.89
CA GLY A 31 -13.09 6.11 -23.09
C GLY A 31 -12.28 6.33 -21.83
N LYS A 32 -12.88 6.06 -20.66
CA LYS A 32 -12.14 6.20 -19.42
C LYS A 32 -11.12 5.08 -19.26
N ILE A 33 -9.93 5.46 -18.84
CA ILE A 33 -8.88 4.48 -18.62
C ILE A 33 -9.01 3.88 -17.23
N LEU A 34 -9.10 2.56 -17.19
CA LEU A 34 -9.25 1.85 -15.94
C LEU A 34 -8.28 0.69 -15.98
N VAL A 35 -8.24 -0.09 -14.91
CA VAL A 35 -7.57 -1.37 -14.97
C VAL A 35 -8.53 -2.40 -14.40
N TRP A 36 -8.34 -3.66 -14.73
CA TRP A 36 -9.06 -4.70 -14.06
C TRP A 36 -8.12 -5.83 -13.64
N LYS A 37 -8.48 -6.54 -12.59
CA LYS A 37 -7.79 -7.73 -12.17
C LYS A 37 -8.58 -8.97 -12.62
N GLU A 38 -7.92 -9.83 -13.38
CA GLU A 38 -8.47 -11.11 -13.85
C GLU A 38 -8.33 -12.22 -12.82
N LEU A 39 -9.45 -12.86 -12.46
CA LEU A 39 -9.35 -14.06 -11.64
C LEU A 39 -10.14 -15.22 -12.26
N ASP A 40 -9.50 -16.39 -12.31
CA ASP A 40 -10.14 -17.60 -12.83
C ASP A 40 -10.59 -18.46 -11.65
N TYR A 41 -11.89 -18.48 -11.40
CA TYR A 41 -12.44 -19.25 -10.28
C TYR A 41 -12.83 -20.67 -10.68
N GLY A 42 -12.55 -21.05 -11.92
CA GLY A 42 -12.92 -22.35 -12.42
C GLY A 42 -12.44 -23.51 -11.54
N SER A 43 -11.34 -23.30 -10.84
CA SER A 43 -10.75 -24.38 -10.05
C SER A 43 -10.92 -24.22 -8.53
N MET A 44 -11.91 -23.45 -8.12
CA MET A 44 -12.18 -23.24 -6.70
C MET A 44 -13.39 -24.02 -6.19
N THR A 45 -13.32 -24.46 -4.94
CA THR A 45 -14.48 -25.06 -4.28
C THR A 45 -15.54 -24.00 -4.08
N GLU A 46 -16.71 -24.41 -3.60
CA GLU A 46 -17.79 -23.46 -3.40
C GLU A 46 -17.47 -22.56 -2.22
N ALA A 47 -16.69 -23.09 -1.28
CA ALA A 47 -16.24 -22.35 -0.11
C ALA A 47 -15.42 -21.15 -0.52
N GLU A 48 -14.29 -21.42 -1.17
CA GLU A 48 -13.43 -20.37 -1.69
C GLU A 48 -14.19 -19.34 -2.53
N LYS A 49 -15.20 -19.79 -3.25
CA LYS A 49 -16.00 -18.88 -4.07
C LYS A 49 -16.91 -18.03 -3.21
N GLN A 50 -17.36 -18.57 -2.09
CA GLN A 50 -18.22 -17.81 -1.19
C GLN A 50 -17.37 -16.76 -0.48
N MET A 51 -16.20 -17.21 -0.04
CA MET A 51 -15.19 -16.35 0.57
C MET A 51 -14.84 -15.21 -0.36
N LEU A 52 -14.63 -15.56 -1.62
CA LEU A 52 -14.28 -14.58 -2.65
C LEU A 52 -15.38 -13.56 -2.88
N VAL A 53 -16.64 -13.99 -2.79
CA VAL A 53 -17.75 -13.08 -2.96
C VAL A 53 -17.87 -12.21 -1.72
N SER A 54 -17.35 -12.72 -0.61
CA SER A 54 -17.33 -12.00 0.65
C SER A 54 -16.31 -10.86 0.63
N GLU A 55 -15.10 -11.16 0.15
CA GLU A 55 -14.06 -10.14 -0.01
C GLU A 55 -14.50 -9.07 -1.00
N VAL A 56 -15.11 -9.48 -2.11
CA VAL A 56 -15.53 -8.54 -3.14
C VAL A 56 -16.57 -7.56 -2.63
N ASN A 57 -17.42 -8.03 -1.72
CA ASN A 57 -18.42 -7.14 -1.14
C ASN A 57 -17.81 -6.09 -0.25
N LEU A 58 -16.63 -6.39 0.28
CA LEU A 58 -15.87 -5.44 1.11
C LEU A 58 -15.32 -4.27 0.31
N LEU A 59 -14.78 -4.55 -0.88
CA LEU A 59 -14.21 -3.51 -1.72
C LEU A 59 -15.27 -2.56 -2.23
N ARG A 60 -16.51 -3.03 -2.30
CA ARG A 60 -17.61 -2.19 -2.75
C ARG A 60 -18.03 -1.19 -1.69
N GLU A 61 -17.48 -1.36 -0.48
CA GLU A 61 -17.84 -0.51 0.65
C GLU A 61 -16.98 0.76 0.72
N LEU A 62 -15.68 0.57 0.77
CA LEU A 62 -14.73 1.68 0.90
C LEU A 62 -14.69 2.62 -0.29
N LYS A 63 -15.10 3.86 -0.05
CA LYS A 63 -14.77 4.96 -0.94
C LYS A 63 -13.96 5.96 -0.12
N HIS A 64 -12.75 6.28 -0.59
CA HIS A 64 -11.85 7.20 0.10
C HIS A 64 -10.75 7.67 -0.89
N PRO A 65 -10.39 8.94 -0.84
CA PRO A 65 -9.47 9.47 -1.88
C PRO A 65 -8.06 8.88 -1.86
N ASN A 66 -7.76 8.05 -0.87
CA ASN A 66 -6.42 7.51 -0.72
C ASN A 66 -6.47 6.00 -0.66
N ILE A 67 -7.64 5.45 -0.98
CA ILE A 67 -7.75 4.03 -1.18
C ILE A 67 -8.01 3.77 -2.66
N VAL A 68 -7.27 2.84 -3.26
CA VAL A 68 -7.54 2.48 -4.67
C VAL A 68 -9.02 2.17 -4.89
N ARG A 69 -9.66 3.00 -5.71
CA ARG A 69 -11.11 2.98 -5.95
C ARG A 69 -11.62 1.84 -6.81
N TYR A 70 -12.44 0.99 -6.21
CA TYR A 70 -13.19 -0.03 -6.92
C TYR A 70 -14.28 0.59 -7.81
N TYR A 71 -14.52 0.00 -8.97
CA TYR A 71 -15.57 0.52 -9.84
C TYR A 71 -16.70 -0.48 -10.06
N ASP A 72 -16.34 -1.74 -10.19
CA ASP A 72 -17.24 -2.70 -10.79
C ASP A 72 -16.72 -4.13 -10.60
N ARG A 73 -17.62 -5.10 -10.65
CA ARG A 73 -17.23 -6.49 -10.69
C ARG A 73 -17.93 -7.14 -11.87
N ILE A 74 -17.19 -7.95 -12.62
CA ILE A 74 -17.75 -8.56 -13.81
C ILE A 74 -17.56 -10.06 -13.74
N ILE A 75 -18.66 -10.79 -13.94
CA ILE A 75 -18.63 -12.25 -14.01
C ILE A 75 -18.77 -12.74 -15.44
N ASP A 76 -17.86 -13.61 -15.86
CA ASP A 76 -17.98 -14.35 -17.11
C ASP A 76 -17.99 -15.86 -16.82
N ARG A 77 -19.18 -16.43 -16.66
CA ARG A 77 -19.32 -17.86 -16.38
C ARG A 77 -18.87 -18.74 -17.56
N THR A 78 -18.81 -18.15 -18.74
CA THR A 78 -18.26 -18.79 -19.93
C THR A 78 -16.84 -19.29 -19.70
N ASN A 79 -15.94 -18.36 -19.39
CA ASN A 79 -14.55 -18.67 -19.11
C ASN A 79 -14.30 -18.92 -17.62
N THR A 80 -15.36 -18.85 -16.82
CA THR A 80 -15.24 -18.90 -15.35
C THR A 80 -14.21 -17.88 -14.86
N THR A 81 -14.37 -16.63 -15.28
CA THR A 81 -13.41 -15.59 -14.99
C THR A 81 -14.07 -14.38 -14.32
N LEU A 82 -13.47 -13.93 -13.22
CA LEU A 82 -13.96 -12.78 -12.48
C LEU A 82 -13.12 -11.54 -12.73
N TYR A 83 -13.77 -10.43 -13.08
CA TYR A 83 -13.09 -9.17 -13.31
C TYR A 83 -13.40 -8.12 -12.23
N ILE A 84 -12.36 -7.57 -11.62
CA ILE A 84 -12.55 -6.47 -10.69
C ILE A 84 -11.98 -5.22 -11.30
N VAL A 85 -12.83 -4.23 -11.55
CA VAL A 85 -12.41 -3.01 -12.23
C VAL A 85 -12.09 -1.94 -11.23
N MET A 86 -10.91 -1.33 -11.37
CA MET A 86 -10.50 -0.28 -10.46
C MET A 86 -9.92 0.90 -11.22
N GLU A 87 -9.52 1.93 -10.50
CA GLU A 87 -8.92 3.09 -11.12
C GLU A 87 -7.52 2.79 -11.58
N TYR A 88 -7.11 3.46 -12.64
CA TYR A 88 -5.73 3.43 -13.09
C TYR A 88 -4.83 4.31 -12.24
N CYS A 89 -3.73 3.73 -11.78
CA CYS A 89 -2.71 4.44 -11.05
C CYS A 89 -1.43 4.47 -11.88
N GLU A 90 -1.31 5.47 -12.75
CA GLU A 90 -0.24 5.47 -13.75
C GLU A 90 1.19 5.45 -13.19
N GLY A 91 1.37 5.98 -11.98
CA GLY A 91 2.66 6.02 -11.34
C GLY A 91 3.12 4.68 -10.81
N GLY A 92 2.32 3.64 -10.98
CA GLY A 92 2.66 2.32 -10.47
C GLY A 92 2.77 2.26 -8.94
N ASP A 93 3.44 1.23 -8.45
CA ASP A 93 3.66 1.01 -7.02
C ASP A 93 4.92 1.66 -6.44
N LEU A 94 4.99 1.69 -5.11
CA LEU A 94 6.14 2.25 -4.40
C LEU A 94 7.35 1.35 -4.41
N ALA A 95 7.13 0.03 -4.43
CA ALA A 95 8.26 -0.89 -4.54
C ALA A 95 9.11 -0.52 -5.74
N SER A 96 8.48 -0.19 -6.85
CA SER A 96 9.24 0.13 -8.05
C SER A 96 10.02 1.44 -7.93
N VAL A 97 9.43 2.41 -7.23
CA VAL A 97 10.10 3.68 -7.02
C VAL A 97 11.35 3.48 -6.15
N ILE A 98 11.22 2.62 -5.15
CA ILE A 98 12.27 2.28 -4.23
C ILE A 98 13.37 1.50 -4.91
N THR A 99 12.99 0.49 -5.69
CA THR A 99 13.93 -0.24 -6.54
C THR A 99 14.65 0.74 -7.47
N LYS A 100 13.87 1.59 -8.12
CA LYS A 100 14.44 2.48 -9.12
C LYS A 100 15.43 3.43 -8.49
N GLY A 101 15.18 3.84 -7.25
CA GLY A 101 16.07 4.77 -6.59
C GLY A 101 17.30 4.03 -6.13
N THR A 102 17.11 2.78 -5.73
CA THR A 102 18.21 1.91 -5.32
C THR A 102 19.16 1.70 -6.46
N LYS A 103 18.60 1.44 -7.63
CA LYS A 103 19.40 1.15 -8.82
C LYS A 103 20.16 2.37 -9.32
N GLU A 104 19.47 3.49 -9.50
CA GLU A 104 20.11 4.67 -10.05
C GLU A 104 20.73 5.52 -8.97
N ARG A 105 20.75 4.97 -7.76
CA ARG A 105 21.30 5.66 -6.60
C ARG A 105 20.86 7.13 -6.59
N GLN A 106 19.56 7.33 -6.44
CA GLN A 106 19.01 8.67 -6.38
C GLN A 106 17.97 8.68 -5.28
N TYR A 107 18.19 9.52 -4.28
CA TYR A 107 17.24 9.67 -3.18
C TYR A 107 16.03 10.50 -3.60
N LEU A 108 14.86 10.09 -3.15
CA LEU A 108 13.64 10.86 -3.38
C LEU A 108 13.57 12.15 -2.60
N ASP A 109 12.76 13.08 -3.11
CA ASP A 109 12.58 14.36 -2.49
C ASP A 109 11.78 14.24 -1.19
N GLU A 110 12.16 15.05 -0.20
CA GLU A 110 11.46 15.09 1.08
C GLU A 110 9.98 15.38 0.85
N GLU A 111 9.71 16.27 -0.10
CA GLU A 111 8.34 16.61 -0.49
C GLU A 111 7.53 15.37 -0.88
N PHE A 112 8.19 14.44 -1.56
CA PHE A 112 7.49 13.26 -1.98
C PHE A 112 7.25 12.32 -0.81
N VAL A 113 8.24 12.23 0.06
CA VAL A 113 8.10 11.46 1.28
C VAL A 113 6.93 11.97 2.11
N LEU A 114 6.87 13.28 2.34
CA LEU A 114 5.77 13.89 3.07
C LEU A 114 4.44 13.59 2.43
N ARG A 115 4.43 13.51 1.11
CA ARG A 115 3.22 13.08 0.42
C ARG A 115 2.76 11.70 0.82
N VAL A 116 3.67 10.75 0.83
CA VAL A 116 3.32 9.39 1.13
C VAL A 116 2.94 9.28 2.60
N MET A 117 3.77 9.84 3.47
CA MET A 117 3.44 9.90 4.86
C MET A 117 2.03 10.45 5.12
N THR A 118 1.69 11.57 4.48
CA THR A 118 0.43 12.24 4.79
C THR A 118 -0.77 11.45 4.31
N GLN A 119 -0.67 10.93 3.09
CA GLN A 119 -1.83 10.33 2.47
C GLN A 119 -2.05 8.91 2.96
N LEU A 120 -0.97 8.22 3.30
CA LEU A 120 -1.07 6.90 3.89
C LEU A 120 -1.66 6.97 5.28
N THR A 121 -1.22 7.96 6.06
CA THR A 121 -1.80 8.18 7.40
C THR A 121 -3.32 8.38 7.32
N LEU A 122 -3.77 9.20 6.37
CA LEU A 122 -5.20 9.35 6.13
C LEU A 122 -5.89 8.05 5.70
N ALA A 123 -5.20 7.25 4.90
CA ALA A 123 -5.72 5.95 4.53
C ALA A 123 -5.91 5.06 5.76
N LEU A 124 -5.00 5.18 6.73
CA LEU A 124 -5.05 4.35 7.92
C LEU A 124 -6.26 4.73 8.74
N LYS A 125 -6.38 6.03 8.97
CA LYS A 125 -7.41 6.60 9.81
C LYS A 125 -8.78 6.22 9.28
N GLU A 126 -8.87 6.04 7.97
CA GLU A 126 -10.10 5.55 7.36
C GLU A 126 -10.38 4.08 7.67
N CYS A 127 -9.34 3.26 7.62
CA CYS A 127 -9.46 1.83 7.89
C CYS A 127 -9.78 1.53 9.35
N HIS A 128 -9.08 2.19 10.26
CA HIS A 128 -9.30 1.97 11.68
C HIS A 128 -10.71 2.39 12.09
N ARG A 129 -11.25 3.36 11.37
CA ARG A 129 -12.60 3.85 11.64
C ARG A 129 -13.63 2.77 11.29
N ARG A 130 -13.47 2.20 10.10
CA ARG A 130 -14.30 1.09 9.64
C ARG A 130 -13.92 -0.22 10.34
N SER A 131 -13.74 -0.16 11.66
CA SER A 131 -13.36 -1.32 12.46
C SER A 131 -13.69 -1.09 13.93
N HIS A 139 -6.82 -5.31 8.35
CA HIS A 139 -7.34 -4.97 7.03
C HIS A 139 -6.23 -5.01 5.95
N ARG A 140 -6.06 -3.88 5.26
CA ARG A 140 -5.05 -3.74 4.20
C ARG A 140 -3.65 -3.58 4.78
N ASP A 141 -2.62 -4.11 4.11
CA ASP A 141 -1.29 -4.00 4.73
C ASP A 141 -0.41 -2.96 4.07
N LEU A 142 0.36 -2.27 4.91
CA LEU A 142 1.24 -1.22 4.47
C LEU A 142 2.58 -1.80 4.08
N LYS A 143 2.80 -1.94 2.79
CA LYS A 143 4.07 -2.41 2.28
C LYS A 143 4.16 -1.80 0.90
N PRO A 144 5.38 -1.43 0.49
CA PRO A 144 5.61 -0.70 -0.77
C PRO A 144 4.85 -1.26 -2.00
N ALA A 145 4.71 -2.57 -2.10
CA ALA A 145 4.03 -3.12 -3.25
C ALA A 145 2.52 -2.82 -3.24
N ASN A 146 2.00 -2.46 -2.07
CA ASN A 146 0.56 -2.21 -1.97
C ASN A 146 0.23 -0.74 -1.92
N VAL A 147 1.12 0.07 -2.45
CA VAL A 147 0.91 1.50 -2.44
C VAL A 147 1.07 1.99 -3.86
N PHE A 148 0.12 2.78 -4.32
CA PHE A 148 0.05 3.14 -5.72
C PHE A 148 -0.06 4.65 -5.90
N LEU A 149 0.46 5.10 -7.04
CA LEU A 149 0.56 6.50 -7.33
C LEU A 149 -0.26 6.79 -8.57
N ASP A 150 -1.05 7.85 -8.53
CA ASP A 150 -1.79 8.23 -9.71
C ASP A 150 -1.04 9.32 -10.44
N GLY A 151 -1.70 9.96 -11.40
CA GLY A 151 -1.06 11.00 -12.20
C GLY A 151 -1.09 12.37 -11.56
N LYS A 152 -1.70 12.50 -10.39
CA LYS A 152 -1.87 13.82 -9.79
C LYS A 152 -1.13 13.97 -8.47
N GLN A 153 -0.08 13.16 -8.28
CA GLN A 153 0.72 13.13 -7.05
C GLN A 153 -0.01 12.49 -5.85
N ASN A 154 -1.15 11.85 -6.11
CA ASN A 154 -1.88 11.17 -5.06
C ASN A 154 -1.33 9.80 -4.77
N VAL A 155 -1.43 9.41 -3.51
CA VAL A 155 -0.87 8.17 -3.04
C VAL A 155 -2.08 7.31 -2.65
N LYS A 156 -2.14 6.08 -3.16
CA LYS A 156 -3.31 5.22 -2.89
C LYS A 156 -2.97 3.83 -2.38
N LEU A 157 -3.79 3.35 -1.47
CA LEU A 157 -3.53 2.09 -0.82
C LEU A 157 -4.33 1.00 -1.51
N GLY A 158 -3.66 -0.12 -1.80
CA GLY A 158 -4.27 -1.22 -2.49
C GLY A 158 -4.92 -2.20 -1.55
N ASP A 159 -5.27 -3.37 -2.08
CA ASP A 159 -6.12 -4.34 -1.36
C ASP A 159 -5.38 -5.54 -0.79
N PHE A 160 -4.10 -5.68 -1.10
CA PHE A 160 -3.31 -6.80 -0.58
C PHE A 160 -3.53 -6.97 0.93
N GLY A 161 -3.76 -8.21 1.35
CA GLY A 161 -3.95 -8.53 2.75
C GLY A 161 -5.36 -8.33 3.28
N LEU A 162 -6.24 -7.78 2.44
CA LEU A 162 -7.64 -7.60 2.82
C LEU A 162 -8.49 -8.77 2.37
N VAL A 177 7.31 -17.15 2.67
CA VAL A 177 8.63 -17.26 2.06
C VAL A 177 9.54 -16.05 2.35
N GLY A 178 9.00 -14.85 2.20
CA GLY A 178 9.78 -13.63 2.37
C GLY A 178 10.14 -13.36 3.82
N THR A 179 11.15 -12.50 4.03
CA THR A 179 11.48 -12.05 5.38
C THR A 179 10.56 -10.87 5.71
N PRO A 180 9.79 -10.99 6.81
CA PRO A 180 8.77 -10.00 7.20
C PRO A 180 9.37 -8.72 7.81
N TYR A 181 10.04 -7.94 6.97
CA TYR A 181 10.75 -6.73 7.39
C TYR A 181 9.94 -5.74 8.26
N TYR A 182 8.62 -5.74 8.07
CA TYR A 182 7.75 -4.75 8.68
C TYR A 182 6.96 -5.30 9.85
N MET A 183 7.37 -6.45 10.37
CA MET A 183 6.72 -7.02 11.54
C MET A 183 6.99 -6.13 12.76
N SER A 184 5.94 -5.75 13.46
CA SER A 184 6.06 -4.94 14.64
C SER A 184 6.56 -5.83 15.76
N PRO A 185 7.26 -5.25 16.74
CA PRO A 185 7.77 -6.03 17.87
C PRO A 185 6.64 -6.81 18.57
N GLU A 186 5.46 -6.22 18.67
CA GLU A 186 4.35 -6.87 19.36
C GLU A 186 3.81 -8.05 18.59
N GLN A 187 3.53 -7.86 17.30
CA GLN A 187 3.04 -8.95 16.46
C GLN A 187 4.14 -10.01 16.25
N MET A 188 5.38 -9.61 16.49
CA MET A 188 6.52 -10.54 16.48
C MET A 188 6.37 -11.53 17.63
N ASN A 189 5.45 -11.22 18.54
CA ASN A 189 5.14 -12.06 19.69
C ASN A 189 3.67 -12.46 19.66
N ARG A 190 2.86 -11.82 20.49
CA ARG A 190 1.42 -12.06 20.49
C ARG A 190 0.63 -10.78 20.22
N ASN A 194 -4.03 -4.19 17.19
CA ASN A 194 -3.46 -2.98 17.77
C ASN A 194 -3.13 -1.95 16.68
N GLU A 195 -3.82 -0.80 16.71
CA GLU A 195 -3.64 0.24 15.69
C GLU A 195 -2.19 0.71 15.60
N LYS A 196 -1.55 0.86 16.75
CA LYS A 196 -0.16 1.27 16.81
C LYS A 196 0.78 0.28 16.12
N SER A 197 0.30 -0.92 15.83
CA SER A 197 1.12 -1.85 15.06
C SER A 197 1.21 -1.38 13.62
N ASP A 198 0.16 -0.73 13.13
CA ASP A 198 0.14 -0.18 11.78
C ASP A 198 1.10 1.01 11.65
N ILE A 199 1.19 1.82 12.70
CA ILE A 199 2.11 2.95 12.76
C ILE A 199 3.54 2.50 12.56
N TRP A 200 3.90 1.41 13.24
CA TRP A 200 5.20 0.80 13.02
C TRP A 200 5.43 0.47 11.54
N SER A 201 4.48 -0.19 10.89
CA SER A 201 4.67 -0.61 9.52
C SER A 201 4.81 0.62 8.64
N LEU A 202 4.03 1.64 8.95
CA LEU A 202 4.12 2.89 8.22
C LEU A 202 5.52 3.45 8.41
N GLY A 203 6.01 3.39 9.66
CA GLY A 203 7.37 3.78 9.99
C GLY A 203 8.40 3.06 9.12
N CYS A 204 8.33 1.73 9.07
CA CYS A 204 9.22 0.96 8.22
C CYS A 204 9.16 1.39 6.75
N LEU A 205 7.96 1.63 6.26
CA LEU A 205 7.77 2.05 4.89
C LEU A 205 8.42 3.41 4.54
N LEU A 206 8.08 4.46 5.30
CA LEU A 206 8.71 5.75 5.06
C LEU A 206 10.21 5.65 5.24
N TYR A 207 10.62 4.79 6.16
CA TYR A 207 12.04 4.61 6.40
C TYR A 207 12.69 4.11 5.10
N GLU A 208 12.15 3.00 4.60
CA GLU A 208 12.63 2.41 3.36
C GLU A 208 12.62 3.42 2.21
N LEU A 209 11.62 4.30 2.21
CA LEU A 209 11.51 5.36 1.22
C LEU A 209 12.63 6.41 1.33
N CYS A 210 13.05 6.74 2.53
CA CYS A 210 14.20 7.62 2.71
C CYS A 210 15.54 6.95 2.50
N ALA A 211 15.73 5.77 3.08
CA ALA A 211 17.07 5.17 3.13
C ALA A 211 17.29 4.21 1.97
N LEU A 212 16.25 3.99 1.19
CA LEU A 212 16.26 3.00 0.10
C LEU A 212 16.61 1.59 0.58
N MET A 213 16.22 1.26 1.81
CA MET A 213 16.41 -0.06 2.40
C MET A 213 15.64 -0.12 3.72
N PRO A 214 15.24 -1.32 4.17
CA PRO A 214 14.41 -1.38 5.38
C PRO A 214 15.23 -0.98 6.61
N PRO A 215 14.55 -0.65 7.72
CA PRO A 215 15.34 -0.25 8.89
C PRO A 215 16.09 -1.42 9.51
N PHE A 216 15.51 -2.61 9.39
CA PHE A 216 16.14 -3.80 9.93
C PHE A 216 16.30 -4.81 8.80
N THR A 217 17.48 -5.38 8.69
CA THR A 217 17.73 -6.37 7.64
C THR A 217 18.44 -7.58 8.21
N ALA A 218 18.19 -8.74 7.62
CA ALA A 218 18.78 -9.97 8.11
C ALA A 218 18.56 -11.03 7.07
N PHE A 219 19.15 -12.20 7.28
CA PHE A 219 19.01 -13.29 6.32
C PHE A 219 17.96 -14.30 6.77
N SER A 220 17.87 -14.50 8.08
CA SER A 220 16.81 -15.32 8.65
C SER A 220 15.84 -14.47 9.47
N GLN A 221 14.61 -14.93 9.58
CA GLN A 221 13.60 -14.26 10.38
C GLN A 221 14.01 -14.16 11.85
N LYS A 222 14.73 -15.17 12.33
CA LYS A 222 15.16 -15.19 13.72
C LYS A 222 16.18 -14.08 13.96
N GLU A 223 17.10 -13.91 13.01
CA GLU A 223 18.06 -12.83 13.06
C GLU A 223 17.32 -11.49 13.04
N LEU A 224 16.34 -11.39 12.16
CA LEU A 224 15.48 -10.22 12.04
C LEU A 224 14.87 -9.86 13.37
N ALA A 225 14.28 -10.86 14.04
CA ALA A 225 13.63 -10.61 15.30
C ALA A 225 14.63 -10.13 16.33
N GLY A 226 15.85 -10.65 16.23
CA GLY A 226 16.93 -10.22 17.09
C GLY A 226 17.21 -8.74 16.97
N LYS A 227 17.16 -8.24 15.73
CA LYS A 227 17.42 -6.82 15.48
C LYS A 227 16.24 -5.91 15.87
N ILE A 228 15.03 -6.29 15.48
CA ILE A 228 13.83 -5.52 15.82
C ILE A 228 13.68 -5.33 17.33
N ARG A 229 14.07 -6.31 18.13
CA ARG A 229 13.96 -6.21 19.58
C ARG A 229 15.04 -5.32 20.18
N GLU A 230 16.19 -5.23 19.54
CA GLU A 230 17.20 -4.29 20.01
C GLU A 230 16.74 -2.85 19.73
N GLY A 231 15.98 -2.67 18.65
CA GLY A 231 15.40 -1.39 18.33
C GLY A 231 16.33 -0.35 17.72
N LYS A 232 17.57 -0.73 17.41
CA LYS A 232 18.51 0.23 16.82
C LYS A 232 18.58 0.12 15.29
N PHE A 233 18.75 1.27 14.62
CA PHE A 233 18.85 1.36 13.16
C PHE A 233 19.62 2.62 12.83
N ARG A 234 19.90 2.85 11.54
CA ARG A 234 20.65 4.05 11.15
C ARG A 234 19.73 5.26 11.06
N ARG A 235 20.30 6.45 11.20
CA ARG A 235 19.54 7.62 10.84
C ARG A 235 19.28 7.53 9.34
N ILE A 236 18.14 8.01 8.88
CA ILE A 236 17.88 8.20 7.46
C ILE A 236 18.85 9.28 6.94
N PRO A 237 19.20 9.24 5.64
CA PRO A 237 20.23 10.11 5.03
C PRO A 237 20.10 11.61 5.39
N TYR A 238 21.20 12.34 5.38
CA TYR A 238 21.19 13.72 5.86
C TYR A 238 20.57 14.75 4.94
N ARG A 239 20.14 14.34 3.76
CA ARG A 239 19.38 15.26 2.90
C ARG A 239 17.95 15.47 3.44
N TYR A 240 17.54 14.56 4.31
CA TYR A 240 16.26 14.64 5.00
C TYR A 240 16.44 15.32 6.34
N SER A 241 15.52 16.23 6.66
CA SER A 241 15.62 17.06 7.85
C SER A 241 15.50 16.29 9.17
N ASP A 242 15.86 16.96 10.25
CA ASP A 242 15.76 16.38 11.58
C ASP A 242 14.31 16.10 11.96
N GLU A 243 13.43 17.06 11.70
CA GLU A 243 12.00 16.87 11.90
C GLU A 243 11.48 15.58 11.21
N LEU A 244 11.81 15.39 9.93
CA LEU A 244 11.33 14.20 9.22
C LEU A 244 11.82 12.93 9.89
N ASN A 245 13.10 12.92 10.27
CA ASN A 245 13.71 11.79 10.91
C ASN A 245 13.18 11.55 12.32
N GLU A 246 12.75 12.63 12.96
CA GLU A 246 12.31 12.52 14.32
C GLU A 246 11.02 11.72 14.30
N ILE A 247 10.14 12.08 13.38
CA ILE A 247 8.83 11.45 13.35
C ILE A 247 8.86 10.00 12.87
N ILE A 248 9.77 9.70 11.95
CA ILE A 248 9.93 8.31 11.55
C ILE A 248 10.49 7.50 12.73
N THR A 249 11.49 8.07 13.39
CA THR A 249 12.09 7.48 14.56
C THR A 249 11.03 7.15 15.62
N ARG A 250 10.12 8.09 15.85
CA ARG A 250 9.03 7.91 16.83
C ARG A 250 8.07 6.79 16.43
N MET A 251 7.89 6.58 15.14
CA MET A 251 7.03 5.50 14.65
C MET A 251 7.70 4.16 14.85
N LEU A 252 9.01 4.15 14.96
CA LEU A 252 9.76 2.90 15.11
C LEU A 252 10.14 2.66 16.57
N ASN A 253 9.44 3.35 17.47
CA ASN A 253 9.66 3.16 18.90
C ASN A 253 9.23 1.75 19.34
N LEU A 254 9.99 1.12 20.22
CA LEU A 254 9.69 -0.27 20.61
C LEU A 254 8.39 -0.39 21.39
N LYS A 255 8.11 0.62 22.20
CA LYS A 255 6.89 0.73 22.95
C LYS A 255 5.81 1.29 22.05
N ASP A 256 4.76 0.51 21.81
CA ASP A 256 3.66 0.92 20.96
C ASP A 256 2.99 2.20 21.45
N TYR A 257 2.89 2.34 22.77
CA TYR A 257 2.33 3.56 23.35
C TYR A 257 3.17 4.83 23.16
N HIS A 258 4.43 4.69 22.74
CA HIS A 258 5.26 5.86 22.41
C HIS A 258 5.18 6.25 20.95
N ARG A 259 4.68 5.34 20.12
CA ARG A 259 4.39 5.64 18.72
C ARG A 259 3.26 6.64 18.65
N PRO A 260 3.36 7.60 17.72
CA PRO A 260 2.31 8.62 17.65
C PRO A 260 1.03 8.05 17.06
N SER A 261 -0.10 8.67 17.40
CA SER A 261 -1.37 8.34 16.81
C SER A 261 -1.44 8.98 15.44
N VAL A 262 -2.36 8.48 14.61
CA VAL A 262 -2.68 9.13 13.36
C VAL A 262 -2.87 10.63 13.55
N GLU A 263 -3.62 10.99 14.59
CA GLU A 263 -3.80 12.41 14.88
C GLU A 263 -2.49 13.10 15.25
N GLU A 264 -1.62 12.45 16.02
CA GLU A 264 -0.37 13.09 16.39
C GLU A 264 0.52 13.35 15.18
N ILE A 265 0.53 12.39 14.25
CA ILE A 265 1.26 12.47 12.99
C ILE A 265 0.80 13.66 12.16
N LEU A 266 -0.51 13.86 12.04
CA LEU A 266 -1.03 14.95 11.23
C LEU A 266 -0.82 16.35 11.81
N GLU A 267 -0.78 16.46 13.14
CA GLU A 267 -0.50 17.74 13.80
C GLU A 267 0.93 18.20 13.53
N ASN A 268 1.78 17.28 13.09
CA ASN A 268 3.17 17.63 12.79
C ASN A 268 3.31 18.81 11.79
N PRO A 269 4.05 19.86 12.19
CA PRO A 269 4.32 21.08 11.41
C PRO A 269 4.83 20.80 10.02
N LEU A 270 5.47 19.66 9.85
CA LEU A 270 5.93 19.23 8.54
C LEU A 270 4.81 19.08 7.50
N ILE A 271 3.65 18.57 7.92
CA ILE A 271 2.53 18.27 7.01
C ILE A 271 1.65 19.49 6.69
N LEU A 272 1.55 19.77 5.38
CA LEU A 272 0.87 20.97 4.89
C LEU A 272 -0.28 20.61 3.94
N GLU A 273 -1.10 21.59 3.61
CA GLU A 273 -2.24 21.28 2.76
C GLU A 273 -1.85 20.59 1.43
N HIS A 274 -0.75 21.03 0.82
CA HIS A 274 -0.37 20.57 -0.52
C HIS A 274 0.15 19.11 -0.52
N HIS A 275 0.43 18.56 0.65
CA HIS A 275 0.79 17.15 0.78
C HIS A 275 -0.42 16.22 0.78
N HIS A 276 -1.62 16.78 0.78
CA HIS A 276 -2.83 15.95 0.76
C HIS A 276 -3.32 15.62 -0.66
N HIS A 277 -4.31 14.76 -0.75
CA HIS A 277 -4.86 14.36 -2.03
C HIS A 277 -5.43 15.54 -2.79
N HIS A 278 -5.35 15.48 -4.11
CA HIS A 278 -6.00 16.49 -4.91
C HIS A 278 -6.73 15.87 -6.10
N HIS A 279 -7.91 16.41 -6.43
CA HIS A 279 -8.68 16.00 -7.60
C HIS A 279 -8.34 16.80 -8.87
#